data_1RZ3
#
_entry.id   1RZ3
#
_cell.length_a   45.010
_cell.length_b   45.185
_cell.length_c   107.023
_cell.angle_alpha   90.00
_cell.angle_beta   90.00
_cell.angle_gamma   90.00
#
_symmetry.space_group_name_H-M   'P 21 21 21'
#
loop_
_entity.id
_entity.type
_entity.pdbx_description
1 polymer 'hypothetical protein RBSTP0775'
2 non-polymer 'ACETATE ION'
3 non-polymer 'CALCIUM ION'
4 water water
#
_entity_poly.entity_id   1
_entity_poly.type   'polypeptide(L)'
_entity_poly.pdbx_seq_one_letter_code
;(MSE)ELRDRIDFLCKTILAIKTAGRLVLGIDGLSRSGKTTLANQLSQTLREQGISVCVFH(MSE)DDHIVERAKRYHTG
NEEWFEYYYLQWDVEWLTHQLFRQLKASHQLTLPFYDHETDTHSKRTVYLSDSD(MSE)I(MSE)IEGVFLQRKEWRPFF
DFVVYLDCPREIRFARENDQVKQNIQKFINRYWKAEDYYLETEEPIKRADVVFD(MSE)TS
;
_entity_poly.pdbx_strand_id   A
#
loop_
_chem_comp.id
_chem_comp.type
_chem_comp.name
_chem_comp.formula
ACT non-polymer 'ACETATE ION' 'C2 H3 O2 -1'
CA non-polymer 'CALCIUM ION' 'Ca 2'
#
# COMPACT_ATOMS: atom_id res chain seq x y z
N MSE A 1 10.66 -9.86 21.23
CA MSE A 1 12.03 -9.27 21.26
C MSE A 1 11.96 -7.76 21.49
O MSE A 1 12.00 -7.30 22.63
CB MSE A 1 12.74 -9.54 19.93
CG MSE A 1 14.11 -8.90 19.82
SE MSE A 1 14.64 -8.74 17.98
CE MSE A 1 13.88 -7.00 17.61
N GLU A 2 11.85 -7.02 20.39
CA GLU A 2 11.76 -5.57 20.43
C GLU A 2 10.81 -5.15 19.32
N LEU A 3 10.99 -5.78 18.16
CA LEU A 3 10.15 -5.50 17.00
C LEU A 3 8.75 -6.01 17.32
N ARG A 4 8.70 -7.09 18.11
CA ARG A 4 7.45 -7.70 18.51
C ARG A 4 6.66 -6.70 19.37
N ASP A 5 7.36 -6.00 20.24
CA ASP A 5 6.73 -5.02 21.11
C ASP A 5 6.23 -3.82 20.33
N ARG A 6 6.96 -3.45 19.28
CA ARG A 6 6.58 -2.31 18.46
C ARG A 6 5.34 -2.65 17.65
N ILE A 7 5.28 -3.87 17.15
CA ILE A 7 4.13 -4.30 16.37
C ILE A 7 2.90 -4.37 17.28
N ASP A 8 3.10 -4.83 18.51
CA ASP A 8 1.99 -4.91 19.46
C ASP A 8 1.52 -3.52 19.81
N PHE A 9 2.45 -2.57 19.93
CA PHE A 9 2.08 -1.20 20.25
C PHE A 9 1.28 -0.60 19.09
N LEU A 10 1.66 -0.93 17.87
CA LEU A 10 0.96 -0.42 16.70
C LEU A 10 -0.45 -0.99 16.68
N CYS A 11 -0.58 -2.26 17.03
CA CYS A 11 -1.90 -2.90 17.07
C CYS A 11 -2.77 -2.18 18.10
N LYS A 12 -2.21 -1.90 19.27
CA LYS A 12 -2.94 -1.21 20.33
C LYS A 12 -3.39 0.16 19.83
N THR A 13 -2.48 0.85 19.16
CA THR A 13 -2.78 2.18 18.61
C THR A 13 -3.95 2.09 17.63
N ILE A 14 -3.92 1.08 16.77
CA ILE A 14 -4.97 0.89 15.79
C ILE A 14 -6.31 0.56 16.45
N LEU A 15 -6.27 -0.25 17.51
CA LEU A 15 -7.50 -0.61 18.20
C LEU A 15 -8.13 0.56 18.98
N ALA A 16 -7.39 1.66 19.10
CA ALA A 16 -7.87 2.84 19.83
C ALA A 16 -8.51 3.87 18.90
N ILE A 17 -8.35 3.68 17.59
CA ILE A 17 -8.90 4.62 16.61
C ILE A 17 -10.42 4.57 16.56
N LYS A 18 -11.06 5.74 16.53
CA LYS A 18 -12.51 5.82 16.46
C LYS A 18 -12.95 5.28 15.10
N THR A 19 -13.89 4.34 15.12
CA THR A 19 -14.38 3.76 13.87
C THR A 19 -15.82 4.13 13.59
N ALA A 20 -16.14 4.23 12.30
CA ALA A 20 -17.48 4.55 11.82
C ALA A 20 -17.61 3.73 10.55
N GLY A 21 -17.94 2.45 10.72
CA GLY A 21 -18.05 1.57 9.58
C GLY A 21 -16.69 0.93 9.41
N ARG A 22 -16.33 0.58 8.18
CA ARG A 22 -15.03 -0.05 7.93
C ARG A 22 -13.92 0.96 8.17
N LEU A 23 -12.83 0.50 8.77
CA LEU A 23 -11.68 1.36 9.02
C LEU A 23 -10.63 1.01 7.97
N VAL A 24 -10.23 1.99 7.16
CA VAL A 24 -9.24 1.76 6.13
C VAL A 24 -7.84 2.19 6.59
N LEU A 25 -6.94 1.22 6.67
CA LEU A 25 -5.57 1.46 7.14
C LEU A 25 -4.58 1.37 5.99
N GLY A 26 -3.53 2.16 6.07
CA GLY A 26 -2.52 2.11 5.03
C GLY A 26 -1.15 1.94 5.64
N ILE A 27 -0.33 1.10 5.01
CA ILE A 27 1.04 0.90 5.45
C ILE A 27 1.89 1.37 4.27
N ASP A 28 2.39 2.59 4.39
CA ASP A 28 3.19 3.24 3.36
C ASP A 28 4.67 3.09 3.67
N GLY A 29 5.46 2.79 2.66
CA GLY A 29 6.88 2.64 2.88
C GLY A 29 7.58 2.37 1.56
N LEU A 30 8.87 2.65 1.51
CA LEU A 30 9.64 2.45 0.29
C LEU A 30 9.91 0.97 0.02
N SER A 31 10.44 0.67 -1.16
CA SER A 31 10.73 -0.70 -1.54
C SER A 31 11.65 -1.39 -0.53
N ARG A 32 11.32 -2.63 -0.20
CA ARG A 32 12.10 -3.42 0.75
C ARG A 32 12.22 -2.80 2.13
N SER A 33 11.14 -2.22 2.64
CA SER A 33 11.16 -1.62 3.96
C SER A 33 10.50 -2.55 4.96
N GLY A 34 9.98 -3.67 4.46
CA GLY A 34 9.32 -4.65 5.31
C GLY A 34 7.83 -4.43 5.44
N LYS A 35 7.27 -3.55 4.60
CA LYS A 35 5.84 -3.25 4.64
C LYS A 35 4.97 -4.48 4.55
N THR A 36 5.28 -5.34 3.58
CA THR A 36 4.50 -6.55 3.36
C THR A 36 4.51 -7.45 4.58
N THR A 37 5.68 -7.61 5.18
CA THR A 37 5.79 -8.45 6.37
C THR A 37 5.02 -7.82 7.53
N LEU A 38 5.19 -6.51 7.70
CA LEU A 38 4.50 -5.81 8.78
C LEU A 38 3.00 -5.94 8.62
N ALA A 39 2.52 -5.72 7.40
CA ALA A 39 1.09 -5.81 7.12
C ALA A 39 0.54 -7.18 7.50
N ASN A 40 1.19 -8.24 7.05
CA ASN A 40 0.71 -9.59 7.34
C ASN A 40 0.71 -9.91 8.83
N GLN A 41 1.79 -9.56 9.52
CA GLN A 41 1.88 -9.84 10.94
C GLN A 41 0.86 -9.02 11.72
N LEU A 42 0.69 -7.76 11.32
CA LEU A 42 -0.25 -6.88 12.00
C LEU A 42 -1.70 -7.39 11.82
N SER A 43 -2.05 -7.74 10.59
CA SER A 43 -3.40 -8.23 10.31
C SER A 43 -3.67 -9.51 11.11
N GLN A 44 -2.65 -10.35 11.22
CA GLN A 44 -2.77 -11.60 11.97
C GLN A 44 -3.08 -11.31 13.44
N THR A 45 -2.30 -10.41 14.03
CA THR A 45 -2.49 -10.03 15.43
C THR A 45 -3.89 -9.44 15.66
N LEU A 46 -4.35 -8.63 14.72
CA LEU A 46 -5.66 -8.01 14.83
C LEU A 46 -6.77 -9.06 14.81
N ARG A 47 -6.64 -10.05 13.93
CA ARG A 47 -7.64 -11.12 13.85
C ARG A 47 -7.75 -11.85 15.17
N GLU A 48 -6.63 -12.05 15.84
CA GLU A 48 -6.64 -12.75 17.11
C GLU A 48 -7.27 -11.88 18.19
N GLN A 49 -7.40 -10.59 17.91
CA GLN A 49 -8.03 -9.67 18.85
C GLN A 49 -9.52 -9.56 18.48
N GLY A 50 -9.95 -10.40 17.55
CA GLY A 50 -11.36 -10.40 17.17
C GLY A 50 -11.73 -9.44 16.06
N ILE A 51 -10.74 -8.99 15.28
CA ILE A 51 -11.00 -8.05 14.19
C ILE A 51 -10.92 -8.75 12.83
N SER A 52 -11.95 -8.59 12.01
CA SER A 52 -11.93 -9.19 10.67
C SER A 52 -11.21 -8.18 9.78
N VAL A 53 -10.07 -8.61 9.22
CA VAL A 53 -9.26 -7.74 8.37
C VAL A 53 -9.06 -8.29 6.95
N CYS A 54 -9.27 -7.41 5.96
CA CYS A 54 -9.09 -7.76 4.55
C CYS A 54 -7.81 -7.02 4.15
N VAL A 55 -6.88 -7.72 3.50
CA VAL A 55 -5.60 -7.11 3.12
C VAL A 55 -5.36 -7.02 1.61
N PHE A 56 -4.83 -5.88 1.17
CA PHE A 56 -4.48 -5.66 -0.23
C PHE A 56 -3.00 -5.32 -0.29
N HIS A 57 -2.33 -5.77 -1.34
CA HIS A 57 -0.89 -5.54 -1.51
C HIS A 57 -0.77 -4.84 -2.86
N MSE A 58 -0.37 -3.57 -2.86
CA MSE A 58 -0.29 -2.81 -4.10
C MSE A 58 0.61 -3.36 -5.19
O MSE A 58 0.38 -3.08 -6.37
CB MSE A 58 0.07 -1.35 -3.82
CG MSE A 58 -0.97 -0.62 -2.98
SE MSE A 58 -2.81 -0.86 -3.55
CE MSE A 58 -2.69 0.03 -5.28
N ASP A 59 1.62 -4.15 -4.83
CA ASP A 59 2.49 -4.72 -5.87
C ASP A 59 1.72 -5.73 -6.71
N ASP A 60 0.57 -6.18 -6.21
CA ASP A 60 -0.27 -7.12 -6.96
C ASP A 60 -1.00 -6.39 -8.08
N HIS A 61 -1.12 -5.07 -7.95
CA HIS A 61 -1.89 -4.32 -8.93
C HIS A 61 -1.18 -3.36 -9.86
N ILE A 62 0.00 -3.77 -10.33
CA ILE A 62 0.78 -2.96 -11.25
C ILE A 62 0.48 -3.41 -12.69
N VAL A 63 0.90 -2.59 -13.65
CA VAL A 63 0.69 -2.89 -15.06
C VAL A 63 1.77 -3.81 -15.60
N GLU A 64 1.57 -4.31 -16.82
CA GLU A 64 2.51 -5.20 -17.48
C GLU A 64 3.84 -4.50 -17.76
N ARG A 65 4.91 -5.28 -17.90
CA ARG A 65 6.25 -4.74 -18.16
C ARG A 65 6.25 -3.76 -19.33
N ALA A 66 5.60 -4.14 -20.42
CA ALA A 66 5.53 -3.31 -21.61
C ALA A 66 5.03 -1.90 -21.35
N LYS A 67 4.30 -1.70 -20.25
CA LYS A 67 3.77 -0.38 -19.94
C LYS A 67 4.57 0.41 -18.90
N ARG A 68 5.52 -0.26 -18.24
CA ARG A 68 6.31 0.42 -17.22
C ARG A 68 7.82 0.30 -17.47
N TYR A 69 8.19 -0.31 -18.59
CA TYR A 69 9.59 -0.46 -18.97
C TYR A 69 9.77 -0.11 -20.45
N HIS A 70 10.95 0.41 -20.79
CA HIS A 70 11.25 0.78 -22.18
C HIS A 70 10.17 1.65 -22.80
N THR A 71 9.69 2.62 -22.04
CA THR A 71 8.65 3.54 -22.50
C THR A 71 9.30 4.78 -23.10
N GLY A 72 10.60 4.93 -22.86
CA GLY A 72 11.31 6.08 -23.37
C GLY A 72 11.47 7.14 -22.29
N ASN A 73 10.64 7.02 -21.24
CA ASN A 73 10.70 7.97 -20.13
C ASN A 73 11.79 7.54 -19.17
N GLU A 74 12.20 8.46 -18.30
CA GLU A 74 13.22 8.12 -17.32
C GLU A 74 12.58 7.09 -16.41
N GLU A 75 13.39 6.20 -15.86
CA GLU A 75 12.87 5.14 -15.00
C GLU A 75 12.14 5.61 -13.74
N TRP A 76 12.54 6.74 -13.17
CA TRP A 76 11.85 7.21 -11.96
C TRP A 76 10.40 7.51 -12.30
N PHE A 77 10.20 8.07 -13.48
CA PHE A 77 8.87 8.45 -13.95
C PHE A 77 8.02 7.20 -14.23
N GLU A 78 8.65 6.18 -14.80
CA GLU A 78 7.96 4.93 -15.11
C GLU A 78 7.48 4.28 -13.82
N TYR A 79 8.37 4.26 -12.83
CA TYR A 79 8.08 3.65 -11.54
C TYR A 79 7.01 4.42 -10.74
N TYR A 80 7.13 5.74 -10.69
CA TYR A 80 6.17 6.52 -9.92
C TYR A 80 4.83 6.80 -10.60
N TYR A 81 4.85 7.09 -11.89
CA TYR A 81 3.62 7.43 -12.61
C TYR A 81 2.98 6.39 -13.52
N LEU A 82 3.79 5.49 -14.07
CA LEU A 82 3.24 4.49 -14.99
C LEU A 82 3.05 3.09 -14.44
N GLN A 83 3.82 2.71 -13.41
CA GLN A 83 3.72 1.37 -12.87
C GLN A 83 2.33 1.01 -12.35
N TRP A 84 1.61 2.01 -11.85
CA TRP A 84 0.24 1.82 -11.36
C TRP A 84 -0.70 2.71 -12.16
N ASP A 85 -1.85 2.16 -12.52
CA ASP A 85 -2.86 2.93 -13.25
C ASP A 85 -3.60 3.62 -12.10
N VAL A 86 -3.03 4.73 -11.65
CA VAL A 86 -3.58 5.47 -10.51
C VAL A 86 -5.06 5.79 -10.60
N GLU A 87 -5.51 6.29 -11.74
CA GLU A 87 -6.91 6.64 -11.93
C GLU A 87 -7.85 5.43 -11.90
N TRP A 88 -7.45 4.34 -12.55
CA TRP A 88 -8.30 3.15 -12.56
C TRP A 88 -8.42 2.61 -11.12
N LEU A 89 -7.29 2.57 -10.41
CA LEU A 89 -7.30 2.07 -9.04
C LEU A 89 -8.13 2.97 -8.13
N THR A 90 -8.10 4.27 -8.38
CA THR A 90 -8.90 5.18 -7.57
C THR A 90 -10.37 4.84 -7.75
N HIS A 91 -10.76 4.64 -9.01
CA HIS A 91 -12.14 4.31 -9.35
C HIS A 91 -12.59 2.92 -8.93
N GLN A 92 -11.77 1.92 -9.23
CA GLN A 92 -12.13 0.54 -8.95
C GLN A 92 -11.72 -0.06 -7.61
N LEU A 93 -10.83 0.60 -6.88
CA LEU A 93 -10.42 0.09 -5.59
C LEU A 93 -10.65 1.05 -4.43
N PHE A 94 -9.89 2.14 -4.40
CA PHE A 94 -9.99 3.09 -3.30
C PHE A 94 -11.36 3.68 -3.02
N ARG A 95 -12.07 4.15 -4.06
CA ARG A 95 -13.40 4.72 -3.85
C ARG A 95 -14.41 3.68 -3.38
N GLN A 96 -14.10 2.41 -3.63
CA GLN A 96 -15.00 1.31 -3.28
C GLN A 96 -14.77 0.67 -1.89
N LEU A 97 -13.67 1.02 -1.24
CA LEU A 97 -13.35 0.41 0.05
C LEU A 97 -14.40 0.54 1.15
N LYS A 98 -15.08 1.68 1.21
CA LYS A 98 -16.07 1.89 2.26
C LYS A 98 -17.40 1.17 2.14
N ALA A 99 -17.90 0.97 0.92
CA ALA A 99 -19.21 0.33 0.81
C ALA A 99 -19.37 -0.89 -0.09
N SER A 100 -18.42 -1.16 -0.99
CA SER A 100 -18.56 -2.32 -1.86
C SER A 100 -18.53 -3.65 -1.14
N HIS A 101 -19.33 -4.60 -1.62
CA HIS A 101 -19.40 -5.92 -1.02
C HIS A 101 -18.18 -6.75 -1.41
N GLN A 102 -17.78 -6.63 -2.67
CA GLN A 102 -16.64 -7.40 -3.17
C GLN A 102 -16.01 -6.65 -4.32
N LEU A 103 -14.78 -7.01 -4.65
CA LEU A 103 -14.06 -6.40 -5.75
C LEU A 103 -13.37 -7.46 -6.59
N THR A 104 -13.46 -7.32 -7.91
CA THR A 104 -12.81 -8.23 -8.82
C THR A 104 -11.75 -7.37 -9.50
N LEU A 105 -10.49 -7.72 -9.27
CA LEU A 105 -9.38 -6.95 -9.81
C LEU A 105 -8.37 -7.81 -10.54
N PRO A 106 -7.61 -7.20 -11.45
CA PRO A 106 -6.59 -7.94 -12.19
C PRO A 106 -5.37 -8.06 -11.27
N PHE A 107 -4.96 -9.29 -10.99
CA PHE A 107 -3.81 -9.51 -10.13
C PHE A 107 -2.59 -9.82 -11.00
N TYR A 108 -1.52 -9.07 -10.81
CA TYR A 108 -0.32 -9.25 -11.61
C TYR A 108 0.60 -10.39 -11.17
N ASP A 109 0.99 -11.21 -12.13
CA ASP A 109 1.90 -12.33 -11.89
C ASP A 109 3.25 -11.86 -12.43
N HIS A 110 4.16 -11.53 -11.50
CA HIS A 110 5.49 -11.04 -11.85
C HIS A 110 6.32 -12.00 -12.71
N GLU A 111 6.18 -13.29 -12.47
CA GLU A 111 6.93 -14.30 -13.23
C GLU A 111 6.49 -14.40 -14.68
N THR A 112 5.19 -14.50 -14.92
CA THR A 112 4.65 -14.63 -16.26
C THR A 112 4.29 -13.31 -16.93
N ASP A 113 4.43 -12.21 -16.20
CA ASP A 113 4.10 -10.89 -16.72
C ASP A 113 2.70 -10.89 -17.33
N THR A 114 1.75 -11.47 -16.60
CA THR A 114 0.36 -11.53 -17.05
C THR A 114 -0.55 -11.21 -15.86
N HIS A 115 -1.80 -10.87 -16.17
CA HIS A 115 -2.79 -10.59 -15.12
C HIS A 115 -3.91 -11.61 -15.17
N SER A 116 -4.53 -11.84 -14.02
CA SER A 116 -5.66 -12.75 -13.92
C SER A 116 -6.67 -12.06 -13.01
N LYS A 117 -7.95 -12.17 -13.34
CA LYS A 117 -8.99 -11.55 -12.54
C LYS A 117 -9.32 -12.42 -11.34
N ARG A 118 -9.19 -11.85 -10.14
CA ARG A 118 -9.47 -12.58 -8.90
C ARG A 118 -10.40 -11.71 -8.09
N THR A 119 -11.16 -12.33 -7.19
CA THR A 119 -12.11 -11.58 -6.38
C THR A 119 -11.74 -11.51 -4.90
N VAL A 120 -11.94 -10.35 -4.31
CA VAL A 120 -11.68 -10.15 -2.89
C VAL A 120 -12.99 -9.67 -2.25
N TYR A 121 -13.43 -10.36 -1.21
CA TYR A 121 -14.67 -9.99 -0.53
C TYR A 121 -14.39 -9.06 0.65
N LEU A 122 -15.07 -7.92 0.65
CA LEU A 122 -14.94 -6.92 1.72
C LEU A 122 -16.03 -7.17 2.75
N SER A 123 -17.21 -7.52 2.24
CA SER A 123 -18.40 -7.82 3.05
C SER A 123 -18.43 -7.24 4.45
N ASP A 124 -18.30 -8.07 5.47
CA ASP A 124 -18.36 -7.56 6.84
C ASP A 124 -17.02 -7.32 7.52
N SER A 125 -16.01 -6.95 6.73
CA SER A 125 -14.69 -6.67 7.29
C SER A 125 -14.80 -5.50 8.27
N ASP A 126 -14.04 -5.56 9.36
CA ASP A 126 -14.04 -4.46 10.32
C ASP A 126 -13.01 -3.44 9.85
N MSE A 127 -11.93 -3.94 9.25
CA MSE A 127 -10.86 -3.10 8.75
C MSE A 127 -10.31 -3.59 7.43
O MSE A 127 -10.32 -4.79 7.16
CB MSE A 127 -9.70 -3.06 9.75
CG MSE A 127 -10.08 -2.75 11.19
SE MSE A 127 -8.51 -2.48 12.33
CE MSE A 127 -9.41 -1.92 13.94
N ILE A 128 -9.86 -2.67 6.61
CA ILE A 128 -9.27 -2.99 5.32
C ILE A 128 -7.84 -2.47 5.43
N MSE A 129 -6.87 -3.34 5.17
CA MSE A 129 -5.47 -2.91 5.26
C MSE A 129 -4.81 -2.96 3.90
O MSE A 129 -4.85 -3.98 3.20
CB MSE A 129 -4.72 -3.80 6.23
CG MSE A 129 -3.32 -3.29 6.52
SE MSE A 129 -2.40 -4.44 7.73
CE MSE A 129 -3.33 -3.97 9.36
N ILE A 130 -4.19 -1.84 3.52
CA ILE A 130 -3.51 -1.72 2.24
C ILE A 130 -2.05 -1.35 2.46
N GLU A 131 -1.14 -2.13 1.87
CA GLU A 131 0.28 -1.85 2.01
C GLU A 131 0.91 -1.71 0.64
N GLY A 132 1.84 -0.77 0.51
CA GLY A 132 2.50 -0.56 -0.77
C GLY A 132 3.33 0.71 -0.78
N VAL A 133 4.02 0.96 -1.88
CA VAL A 133 4.82 2.17 -2.00
C VAL A 133 3.97 3.29 -2.59
N PHE A 134 4.32 4.52 -2.24
CA PHE A 134 3.64 5.71 -2.71
C PHE A 134 2.13 5.69 -2.43
N LEU A 135 1.73 5.21 -1.25
CA LEU A 135 0.31 5.14 -0.91
C LEU A 135 -0.35 6.49 -0.68
N GLN A 136 0.44 7.48 -0.27
CA GLN A 136 -0.11 8.79 0.01
C GLN A 136 -0.14 9.78 -1.13
N ARG A 137 -0.20 9.28 -2.36
CA ARG A 137 -0.29 10.20 -3.49
C ARG A 137 -1.68 10.84 -3.34
N LYS A 138 -1.80 12.10 -3.76
CA LYS A 138 -3.03 12.86 -3.63
C LYS A 138 -4.35 12.19 -4.00
N GLU A 139 -4.31 11.35 -5.03
CA GLU A 139 -5.52 10.67 -5.49
C GLU A 139 -6.08 9.63 -4.51
N TRP A 140 -5.19 8.96 -3.78
CA TRP A 140 -5.60 7.90 -2.85
C TRP A 140 -5.77 8.32 -1.38
N ARG A 141 -5.01 9.31 -0.96
CA ARG A 141 -5.07 9.83 0.43
C ARG A 141 -6.44 9.96 1.10
N PRO A 142 -7.42 10.58 0.42
CA PRO A 142 -8.75 10.76 1.01
C PRO A 142 -9.44 9.49 1.48
N PHE A 143 -9.02 8.34 0.97
CA PHE A 143 -9.68 7.10 1.31
C PHE A 143 -9.08 6.29 2.45
N PHE A 144 -8.04 6.83 3.09
CA PHE A 144 -7.40 6.18 4.23
C PHE A 144 -7.80 6.86 5.52
N ASP A 145 -8.15 6.08 6.54
CA ASP A 145 -8.53 6.64 7.83
C ASP A 145 -7.29 6.75 8.70
N PHE A 146 -6.31 5.91 8.41
CA PHE A 146 -5.09 5.88 9.22
C PHE A 146 -3.95 5.37 8.36
N VAL A 147 -2.83 6.08 8.37
CA VAL A 147 -1.67 5.66 7.60
C VAL A 147 -0.43 5.61 8.46
N VAL A 148 0.29 4.49 8.35
CA VAL A 148 1.54 4.31 9.08
C VAL A 148 2.63 4.39 8.02
N TYR A 149 3.65 5.21 8.24
CA TYR A 149 4.73 5.28 7.27
C TYR A 149 5.88 4.50 7.90
N LEU A 150 6.38 3.51 7.18
CA LEU A 150 7.47 2.66 7.64
C LEU A 150 8.79 3.31 7.23
N ASP A 151 9.45 3.98 8.16
CA ASP A 151 10.70 4.66 7.86
C ASP A 151 11.92 3.77 8.08
N CYS A 152 12.67 3.54 7.01
CA CYS A 152 13.86 2.69 7.06
C CYS A 152 15.05 3.41 6.42
N PRO A 153 16.27 3.20 6.95
CA PRO A 153 17.44 3.87 6.40
C PRO A 153 17.69 3.53 4.93
N ASN A 168 24.84 -1.93 -12.33
CA ASN A 168 23.56 -2.25 -11.71
C ASN A 168 23.13 -1.15 -10.76
N ILE A 169 24.08 -0.61 -10.00
CA ILE A 169 23.79 0.44 -9.04
C ILE A 169 23.14 1.65 -9.73
N GLN A 170 23.66 2.02 -10.89
CA GLN A 170 23.12 3.16 -11.61
C GLN A 170 21.63 2.97 -11.94
N LYS A 171 21.27 1.77 -12.36
CA LYS A 171 19.88 1.47 -12.69
C LYS A 171 18.99 1.59 -11.46
N PHE A 172 19.47 1.11 -10.32
CA PHE A 172 18.72 1.18 -9.09
C PHE A 172 18.46 2.65 -8.74
N ILE A 173 19.50 3.46 -8.86
CA ILE A 173 19.40 4.89 -8.58
C ILE A 173 18.39 5.54 -9.51
N ASN A 174 18.52 5.24 -10.80
CA ASN A 174 17.64 5.81 -11.82
C ASN A 174 16.17 5.54 -11.56
N ARG A 175 15.85 4.30 -11.22
CA ARG A 175 14.45 3.95 -11.01
C ARG A 175 13.95 4.13 -9.59
N TYR A 176 14.55 3.44 -8.62
CA TYR A 176 14.11 3.51 -7.24
C TYR A 176 14.46 4.76 -6.44
N TRP A 177 15.74 5.06 -6.32
CA TRP A 177 16.18 6.22 -5.55
C TRP A 177 15.53 7.53 -6.02
N LYS A 178 15.54 7.80 -7.32
CA LYS A 178 14.96 9.04 -7.82
C LYS A 178 13.45 9.13 -7.63
N ALA A 179 12.76 8.01 -7.81
CA ALA A 179 11.30 7.99 -7.63
C ALA A 179 10.99 8.25 -6.15
N GLU A 180 11.74 7.60 -5.28
CA GLU A 180 11.56 7.77 -3.84
C GLU A 180 11.83 9.22 -3.43
N ASP A 181 12.89 9.82 -3.96
CA ASP A 181 13.20 11.20 -3.64
C ASP A 181 12.07 12.11 -4.13
N TYR A 182 11.52 11.79 -5.30
CA TYR A 182 10.42 12.56 -5.87
C TYR A 182 9.21 12.51 -4.93
N TYR A 183 8.89 11.30 -4.48
CA TYR A 183 7.75 11.09 -3.59
C TYR A 183 7.93 11.87 -2.28
N LEU A 184 9.09 11.69 -1.65
CA LEU A 184 9.38 12.36 -0.39
C LEU A 184 9.31 13.87 -0.48
N GLU A 185 9.78 14.43 -1.59
CA GLU A 185 9.76 15.87 -1.78
C GLU A 185 8.40 16.44 -2.18
N THR A 186 7.70 15.73 -3.05
CA THR A 186 6.40 16.22 -3.51
C THR A 186 5.23 15.92 -2.58
N GLU A 187 5.20 14.74 -1.97
CA GLU A 187 4.09 14.39 -1.09
C GLU A 187 4.38 14.41 0.42
N GLU A 188 5.65 14.53 0.80
CA GLU A 188 6.02 14.57 2.22
C GLU A 188 5.27 13.52 3.04
N PRO A 189 5.38 12.23 2.64
CA PRO A 189 4.70 11.12 3.31
C PRO A 189 5.02 10.97 4.80
N ILE A 190 6.23 11.34 5.21
CA ILE A 190 6.60 11.22 6.61
C ILE A 190 5.84 12.25 7.45
N LYS A 191 5.66 13.44 6.91
CA LYS A 191 4.92 14.50 7.59
C LYS A 191 3.42 14.20 7.57
N ARG A 192 2.96 13.61 6.47
CA ARG A 192 1.55 13.29 6.31
C ARG A 192 1.05 12.10 7.12
N ALA A 193 1.94 11.16 7.40
CA ALA A 193 1.56 9.95 8.12
C ALA A 193 0.96 10.20 9.51
N ASP A 194 0.01 9.35 9.88
CA ASP A 194 -0.60 9.47 11.20
C ASP A 194 0.38 8.96 12.25
N VAL A 195 1.15 7.95 11.87
CA VAL A 195 2.16 7.37 12.74
C VAL A 195 3.35 6.99 11.88
N VAL A 196 4.56 7.19 12.41
CA VAL A 196 5.77 6.84 11.70
C VAL A 196 6.43 5.71 12.48
N PHE A 197 6.51 4.55 11.86
CA PHE A 197 7.11 3.37 12.45
C PHE A 197 8.58 3.44 12.06
N ASP A 198 9.42 3.84 13.01
CA ASP A 198 10.85 3.98 12.76
C ASP A 198 11.65 2.72 13.08
C ACT B . -14.96 -10.78 4.98
O ACT B . -14.56 -11.14 6.10
OXT ACT B . -14.25 -10.83 3.95
CH3 ACT B . -16.43 -10.75 4.76
CA CA C . -16.60 -12.26 6.89
#